data_3WL1
#
_entry.id   3WL1
#
_cell.length_a   93.835
_cell.length_b   93.835
_cell.length_c   122.227
_cell.angle_alpha   90.00
_cell.angle_beta   90.00
_cell.angle_gamma   120.00
#
_symmetry.space_group_name_H-M   'P 65'
#
loop_
_entity.id
_entity.type
_entity.pdbx_description
1 polymer Chitinase
2 branched 2-acetamido-2-deoxy-beta-D-glucopyranose-(1-4)-2-acetamido-2-deoxy-beta-D-glucopyranose-(1-4)-2-acetamido-2-deoxy-beta-D-glucopyranose
3 branched 2-acetamido-2-deoxy-beta-D-glucopyranose-(1-4)-2-acetamido-2-deoxy-beta-D-glucopyranose
4 non-polymer 2-acetamido-2-deoxy-beta-D-glucopyranose
5 water water
#
_entity_poly.entity_id   1
_entity_poly.type   'polypeptide(L)'
_entity_poly.pdbx_seq_one_letter_code
;AESDSRARVVCYFSNWAVYRPGVGRYGIEDIPVDMCTHIIYSFIGVTEDTQQVLIIDPELDVDKNGFKNFTSLRSKHPGV
KFTVAVGGWAEGGSKYSKMVAAKSTRMAFVRSVVDFLNKYNFDGLDLDWEYPGAADRGGSFSDKDKFLYLVQELRRAFIR
EGKGWELTAAVPLANFRLMEGYHVPELCQELDAIHVMSYDLRGNWAGFADVHSPLYKRPHDQWAYEKLNVNDGLQLWEDK
GCPTNKLVVGIPFYGRSFTLSSGNNNYNLGTYINKEAGGGDPAPYTNATGFWAYYEICTEVDTADSKWTKKWDEHGKCPY
AYKGTQWVGYEDPRSVEIKMNWIKEKGYLGAMTWAIDMDDFQGLCGEKNILIKLLHKHMSAYTVPPPRSHHHHHH
;
_entity_poly.pdbx_strand_id   A
#
# COMPACT_ATOMS: atom_id res chain seq x y z
N ARG A 6 13.47 -7.96 14.45
CA ARG A 6 12.08 -8.05 14.87
C ARG A 6 11.33 -6.96 14.11
N ALA A 7 11.98 -6.41 13.10
CA ALA A 7 11.35 -5.44 12.17
C ALA A 7 10.49 -6.22 11.22
N ARG A 8 9.48 -5.56 10.62
CA ARG A 8 8.66 -6.26 9.62
C ARG A 8 9.03 -5.79 8.24
N VAL A 9 8.91 -6.71 7.28
CA VAL A 9 8.86 -6.37 5.86
C VAL A 9 7.52 -6.90 5.39
N VAL A 10 6.59 -5.98 5.07
CA VAL A 10 5.22 -6.41 4.81
C VAL A 10 5.01 -6.30 3.31
N CYS A 11 4.60 -7.39 2.68
CA CYS A 11 4.53 -7.44 1.22
C CYS A 11 3.09 -7.65 0.80
N TYR A 12 2.46 -6.65 0.16
CA TYR A 12 1.11 -6.89 -0.41
C TYR A 12 1.29 -7.62 -1.75
N PHE A 13 0.49 -8.65 -1.96
CA PHE A 13 0.50 -9.46 -3.17
C PHE A 13 -0.84 -9.30 -3.88
N SER A 14 -0.84 -8.88 -5.16
CA SER A 14 -2.11 -8.58 -5.85
C SER A 14 -2.57 -9.84 -6.59
N ASN A 15 -3.79 -10.31 -6.33
CA ASN A 15 -4.18 -11.56 -6.97
C ASN A 15 -4.50 -11.38 -8.46
N TRP A 16 -4.61 -10.15 -8.93
CA TRP A 16 -4.94 -9.91 -10.35
C TRP A 16 -3.69 -9.78 -11.22
N ALA A 17 -2.50 -9.84 -10.63
CA ALA A 17 -1.27 -9.62 -11.41
C ALA A 17 -0.99 -10.81 -12.34
N VAL A 18 -1.66 -11.93 -12.07
CA VAL A 18 -1.43 -13.14 -12.86
C VAL A 18 -2.00 -12.95 -14.26
N TYR A 19 -2.86 -11.96 -14.44
CA TYR A 19 -3.45 -11.74 -15.79
C TYR A 19 -2.67 -10.76 -16.63
N ARG A 20 -1.58 -10.21 -16.10
CA ARG A 20 -0.75 -9.32 -16.90
C ARG A 20 -0.03 -10.10 -17.97
N PRO A 21 0.10 -9.50 -19.16
CA PRO A 21 0.64 -10.30 -20.28
C PRO A 21 2.13 -10.48 -20.22
N GLY A 22 2.63 -11.50 -20.90
CA GLY A 22 4.07 -11.64 -21.13
C GLY A 22 4.88 -11.66 -19.84
N VAL A 23 5.92 -10.83 -19.77
CA VAL A 23 6.80 -10.91 -18.61
C VAL A 23 6.14 -10.23 -17.40
N GLY A 24 5.00 -9.58 -17.59
CA GLY A 24 4.30 -8.98 -16.44
C GLY A 24 3.56 -10.03 -15.61
N ARG A 25 3.32 -11.22 -16.16
CA ARG A 25 2.56 -12.21 -15.38
C ARG A 25 3.23 -12.51 -14.06
N TYR A 26 2.49 -12.41 -12.96
CA TYR A 26 3.10 -12.63 -11.65
C TYR A 26 2.07 -13.40 -10.84
N GLY A 27 2.44 -14.61 -10.42
CA GLY A 27 1.50 -15.43 -9.65
C GLY A 27 2.09 -15.78 -8.29
N ILE A 28 1.39 -16.65 -7.56
CA ILE A 28 1.85 -17.04 -6.22
C ILE A 28 3.26 -17.58 -6.24
N GLU A 29 3.58 -18.35 -7.28
CA GLU A 29 4.91 -18.96 -7.35
C GLU A 29 6.04 -17.93 -7.54
N ASP A 30 5.68 -16.70 -7.91
CA ASP A 30 6.70 -15.65 -8.12
C ASP A 30 7.05 -14.89 -6.84
N ILE A 31 6.27 -15.08 -5.77
CA ILE A 31 6.53 -14.31 -4.54
C ILE A 31 7.88 -14.74 -3.96
N PRO A 32 8.80 -13.80 -3.72
CA PRO A 32 10.07 -14.16 -3.10
C PRO A 32 9.89 -14.22 -1.56
N VAL A 33 9.34 -15.33 -1.10
CA VAL A 33 8.79 -15.41 0.26
C VAL A 33 9.78 -15.03 1.33
N ASP A 34 11.02 -15.46 1.17
CA ASP A 34 12.00 -15.18 2.24
C ASP A 34 12.49 -13.75 2.33
N MET A 35 12.05 -12.92 1.40
CA MET A 35 12.38 -11.49 1.52
C MET A 35 11.36 -10.78 2.39
N CYS A 36 10.24 -11.42 2.75
CA CYS A 36 9.19 -10.74 3.54
C CYS A 36 8.98 -11.43 4.88
N THR A 37 8.46 -10.72 5.87
CA THR A 37 8.09 -11.33 7.14
C THR A 37 6.59 -11.55 7.19
N HIS A 38 5.82 -10.74 6.45
CA HIS A 38 4.36 -10.81 6.47
C HIS A 38 3.92 -10.56 5.02
N ILE A 39 3.08 -11.46 4.50
CA ILE A 39 2.67 -11.35 3.09
C ILE A 39 1.15 -11.33 3.12
N ILE A 40 0.55 -10.43 2.33
CA ILE A 40 -0.91 -10.16 2.42
C ILE A 40 -1.58 -10.33 1.07
N TYR A 41 -2.47 -11.30 0.97
CA TYR A 41 -3.18 -11.59 -0.27
C TYR A 41 -4.28 -10.55 -0.50
N SER A 42 -4.22 -9.82 -1.61
CA SER A 42 -5.13 -8.71 -1.82
C SER A 42 -5.92 -8.95 -3.11
N PHE A 43 -7.25 -8.82 -3.13
CA PHE A 43 -8.11 -8.44 -2.00
C PHE A 43 -9.30 -9.42 -1.98
N ILE A 44 -9.92 -9.54 -0.81
CA ILE A 44 -11.33 -9.95 -0.72
C ILE A 44 -12.15 -8.70 -0.43
N GLY A 45 -13.48 -8.80 -0.55
CA GLY A 45 -14.34 -7.66 -0.34
C GLY A 45 -15.46 -7.97 0.63
N VAL A 46 -16.50 -7.16 0.60
CA VAL A 46 -17.66 -7.44 1.43
C VAL A 46 -18.88 -7.40 0.52
N THR A 47 -19.87 -8.26 0.77
CA THR A 47 -21.08 -8.20 -0.08
C THR A 47 -21.90 -6.96 0.26
N GLU A 48 -22.67 -6.47 -0.70
CA GLU A 48 -23.45 -5.25 -0.54
C GLU A 48 -24.64 -5.52 0.39
N ASP A 49 -25.17 -6.73 0.33
CA ASP A 49 -26.51 -6.98 0.89
C ASP A 49 -26.46 -7.79 2.20
N THR A 50 -25.46 -8.65 2.34
CA THR A 50 -25.45 -9.56 3.47
C THR A 50 -24.25 -9.36 4.40
N GLN A 51 -23.39 -8.39 4.07
CA GLN A 51 -22.21 -8.11 4.89
C GLN A 51 -21.33 -9.33 5.13
N GLN A 52 -21.21 -10.20 4.12
CA GLN A 52 -20.32 -11.34 4.22
C GLN A 52 -19.06 -11.13 3.42
N VAL A 53 -18.07 -11.99 3.63
CA VAL A 53 -16.87 -11.92 2.82
C VAL A 53 -17.24 -12.15 1.34
N LEU A 54 -16.77 -11.27 0.46
CA LEU A 54 -16.97 -11.42 -0.99
C LEU A 54 -15.66 -11.92 -1.56
N ILE A 55 -15.69 -13.08 -2.21
CA ILE A 55 -14.51 -13.57 -2.91
C ILE A 55 -14.56 -12.94 -4.31
N ILE A 56 -13.55 -12.15 -4.67
CA ILE A 56 -13.66 -11.27 -5.81
C ILE A 56 -13.29 -12.01 -7.12
N ASP A 57 -12.43 -13.01 -7.08
CA ASP A 57 -12.12 -13.79 -8.31
C ASP A 57 -12.19 -15.25 -7.93
N PRO A 58 -13.43 -15.78 -7.81
CA PRO A 58 -13.51 -17.12 -7.24
C PRO A 58 -12.87 -18.18 -8.14
N GLU A 59 -12.87 -18.00 -9.44
CA GLU A 59 -12.17 -18.99 -10.28
C GLU A 59 -10.69 -19.11 -9.94
N LEU A 60 -10.05 -17.98 -9.68
CA LEU A 60 -8.64 -18.03 -9.32
C LEU A 60 -8.49 -18.38 -7.84
N ASP A 61 -9.17 -17.61 -6.98
CA ASP A 61 -8.92 -17.67 -5.52
C ASP A 61 -9.35 -19.00 -4.92
N VAL A 62 -10.43 -19.57 -5.46
CA VAL A 62 -10.94 -20.83 -4.88
C VAL A 62 -10.77 -22.04 -5.81
N ASP A 63 -11.29 -21.93 -7.03
CA ASP A 63 -11.27 -23.08 -7.99
C ASP A 63 -9.86 -23.50 -8.39
N LYS A 64 -8.99 -22.54 -8.65
CA LYS A 64 -7.60 -22.85 -8.91
C LYS A 64 -6.75 -22.79 -7.62
N ASN A 65 -7.41 -22.80 -6.46
CA ASN A 65 -6.69 -22.82 -5.18
C ASN A 65 -5.73 -21.68 -4.88
N GLY A 66 -6.05 -20.48 -5.38
CA GLY A 66 -5.18 -19.34 -5.12
C GLY A 66 -4.97 -19.09 -3.61
N PHE A 67 -6.03 -19.03 -2.80
CA PHE A 67 -5.85 -18.70 -1.38
C PHE A 67 -5.01 -19.75 -0.74
N LYS A 68 -5.33 -21.01 -0.99
CA LYS A 68 -4.60 -22.08 -0.31
C LYS A 68 -3.19 -22.27 -0.82
N ASN A 69 -2.94 -22.02 -2.10
CA ASN A 69 -1.57 -22.12 -2.55
C ASN A 69 -0.74 -21.11 -1.81
N PHE A 70 -1.33 -19.93 -1.59
CA PHE A 70 -0.62 -18.86 -0.93
C PHE A 70 -0.39 -19.23 0.53
N THR A 71 -1.42 -19.65 1.24
CA THR A 71 -1.15 -19.93 2.67
C THR A 71 -0.27 -21.16 2.88
N SER A 72 -0.32 -22.11 1.95
CA SER A 72 0.53 -23.30 2.15
C SER A 72 2.01 -23.01 1.85
N LEU A 73 2.31 -21.77 1.40
CA LEU A 73 3.73 -21.37 1.36
C LEU A 73 4.38 -21.51 2.74
N ARG A 74 3.57 -21.56 3.80
CA ARG A 74 4.17 -21.57 5.12
C ARG A 74 4.83 -22.93 5.40
N SER A 75 4.50 -23.94 4.60
CA SER A 75 5.15 -25.26 4.79
C SER A 75 6.63 -25.18 4.60
N LYS A 76 7.08 -24.53 3.53
CA LYS A 76 8.51 -24.31 3.33
C LYS A 76 9.05 -23.05 3.98
N HIS A 77 8.18 -22.13 4.40
CA HIS A 77 8.66 -20.89 5.01
C HIS A 77 7.91 -20.62 6.29
N PRO A 78 8.23 -21.39 7.36
CA PRO A 78 7.29 -21.37 8.48
C PRO A 78 7.37 -20.11 9.34
N GLY A 79 8.40 -19.31 9.20
CA GLY A 79 8.42 -18.13 10.05
C GLY A 79 7.66 -16.92 9.49
N VAL A 80 7.09 -17.09 8.29
CA VAL A 80 6.38 -15.96 7.62
C VAL A 80 4.88 -16.02 7.92
N LYS A 81 4.20 -14.86 8.05
CA LYS A 81 2.75 -14.83 8.29
C LYS A 81 2.06 -14.49 7.00
N PHE A 82 1.00 -15.22 6.71
CA PHE A 82 0.24 -15.10 5.45
C PHE A 82 -1.15 -14.66 5.78
N THR A 83 -1.47 -13.40 5.53
CA THR A 83 -2.80 -12.92 5.83
C THR A 83 -3.54 -12.51 4.56
N VAL A 84 -4.77 -12.02 4.72
CA VAL A 84 -5.59 -11.59 3.57
C VAL A 84 -6.04 -10.16 3.82
N ALA A 85 -6.17 -9.34 2.77
CA ALA A 85 -6.59 -7.97 2.97
C ALA A 85 -8.02 -7.81 2.43
N VAL A 86 -8.89 -7.15 3.19
CA VAL A 86 -10.27 -6.87 2.73
C VAL A 86 -10.39 -5.40 2.38
N GLY A 87 -10.97 -5.09 1.20
CA GLY A 87 -11.15 -3.70 0.80
C GLY A 87 -10.30 -3.42 -0.43
N GLY A 88 -9.46 -2.38 -0.33
CA GLY A 88 -8.66 -1.91 -1.46
C GLY A 88 -9.45 -0.84 -2.20
N TRP A 89 -8.80 -0.16 -3.13
CA TRP A 89 -9.42 1.00 -3.75
C TRP A 89 -10.63 0.61 -4.62
N ALA A 90 -10.47 -0.44 -5.41
CA ALA A 90 -11.55 -0.83 -6.35
C ALA A 90 -12.83 -1.29 -5.68
N GLU A 91 -12.74 -1.77 -4.43
CA GLU A 91 -13.95 -2.20 -3.71
C GLU A 91 -14.87 -1.07 -3.36
N GLY A 92 -14.33 0.14 -3.32
CA GLY A 92 -15.09 1.31 -2.86
C GLY A 92 -15.24 1.36 -1.34
N GLY A 93 -15.82 2.46 -0.83
CA GLY A 93 -16.02 2.60 0.60
C GLY A 93 -17.47 2.38 1.04
N SER A 94 -18.43 2.57 0.15
CA SER A 94 -19.82 2.62 0.65
C SER A 94 -20.30 1.29 1.28
N LYS A 95 -19.84 0.14 0.76
CA LYS A 95 -20.28 -1.12 1.37
C LYS A 95 -19.78 -1.28 2.76
N TYR A 96 -18.63 -0.65 3.07
CA TYR A 96 -18.00 -0.75 4.38
C TYR A 96 -18.71 0.16 5.35
N SER A 97 -19.01 1.38 4.91
CA SER A 97 -19.77 2.29 5.76
C SER A 97 -21.11 1.66 6.08
N LYS A 98 -21.73 1.03 5.09
CA LYS A 98 -22.98 0.28 5.35
C LYS A 98 -22.78 -0.88 6.34
N MET A 99 -21.70 -1.64 6.19
CA MET A 99 -21.51 -2.82 7.03
C MET A 99 -21.28 -2.45 8.49
N VAL A 100 -20.60 -1.32 8.73
CA VAL A 100 -20.30 -1.00 10.13
C VAL A 100 -21.43 -0.22 10.80
N ALA A 101 -22.53 0.06 10.09
CA ALA A 101 -23.50 1.05 10.61
C ALA A 101 -24.24 0.54 11.83
N ALA A 102 -24.28 -0.79 12.01
CA ALA A 102 -25.02 -1.36 13.13
C ALA A 102 -24.27 -2.56 13.70
N LYS A 103 -24.48 -2.81 14.98
CA LYS A 103 -23.85 -3.94 15.63
C LYS A 103 -24.19 -5.24 14.90
N SER A 104 -25.43 -5.38 14.44
CA SER A 104 -25.81 -6.67 13.87
C SER A 104 -25.11 -6.95 12.53
N THR A 105 -24.92 -5.91 11.72
CA THR A 105 -24.25 -6.10 10.45
C THR A 105 -22.71 -6.28 10.68
N ARG A 106 -22.15 -5.62 11.68
CA ARG A 106 -20.73 -5.88 11.98
C ARG A 106 -20.56 -7.30 12.44
N MET A 107 -21.51 -7.79 13.22
CA MET A 107 -21.34 -9.15 13.73
C MET A 107 -21.48 -10.19 12.63
N ALA A 108 -22.31 -9.90 11.64
CA ALA A 108 -22.45 -10.83 10.53
C ALA A 108 -21.10 -10.88 9.79
N PHE A 109 -20.48 -9.73 9.61
CA PHE A 109 -19.22 -9.67 8.88
C PHE A 109 -18.13 -10.37 9.71
N VAL A 110 -18.06 -10.07 11.00
CA VAL A 110 -17.04 -10.72 11.83
C VAL A 110 -17.16 -12.25 11.77
N ARG A 111 -18.38 -12.80 11.90
CA ARG A 111 -18.51 -14.24 11.78
C ARG A 111 -18.06 -14.72 10.43
N SER A 112 -18.40 -13.99 9.36
CA SER A 112 -18.05 -14.44 8.00
C SER A 112 -16.52 -14.47 7.86
N VAL A 113 -15.87 -13.44 8.41
CA VAL A 113 -14.39 -13.32 8.38
C VAL A 113 -13.77 -14.48 9.10
N VAL A 114 -14.27 -14.80 10.30
CA VAL A 114 -13.67 -15.89 11.06
C VAL A 114 -13.80 -17.22 10.27
N ASP A 115 -14.97 -17.48 9.68
CA ASP A 115 -15.15 -18.73 8.91
C ASP A 115 -14.16 -18.75 7.76
N PHE A 116 -14.05 -17.62 7.06
CA PHE A 116 -13.18 -17.54 5.89
C PHE A 116 -11.73 -17.78 6.27
N LEU A 117 -11.25 -17.13 7.35
CA LEU A 117 -9.85 -17.29 7.72
C LEU A 117 -9.55 -18.75 8.12
N ASN A 118 -10.48 -19.39 8.83
CA ASN A 118 -10.31 -20.81 9.11
C ASN A 118 -10.31 -21.66 7.84
N LYS A 119 -11.22 -21.37 6.91
CA LYS A 119 -11.36 -22.22 5.72
C LYS A 119 -10.11 -22.23 4.88
N TYR A 120 -9.46 -21.08 4.75
CA TYR A 120 -8.32 -20.98 3.82
C TYR A 120 -6.99 -20.90 4.56
N ASN A 121 -7.01 -21.17 5.87
CA ASN A 121 -5.80 -21.20 6.71
C ASN A 121 -4.98 -19.95 6.66
N PHE A 122 -5.62 -18.78 6.71
CA PHE A 122 -4.86 -17.54 6.83
C PHE A 122 -4.47 -17.25 8.29
N ASP A 123 -3.47 -16.41 8.50
CA ASP A 123 -2.97 -16.06 9.84
C ASP A 123 -3.62 -14.80 10.40
N GLY A 124 -4.62 -14.27 9.70
CA GLY A 124 -5.20 -13.02 10.17
C GLY A 124 -5.69 -12.14 9.03
N LEU A 125 -6.03 -10.90 9.34
CA LEU A 125 -6.79 -10.06 8.40
C LEU A 125 -6.16 -8.70 8.38
N ASP A 126 -6.04 -8.10 7.18
CA ASP A 126 -5.60 -6.69 7.06
C ASP A 126 -6.83 -5.89 6.60
N LEU A 127 -7.17 -4.81 7.31
CA LEU A 127 -8.37 -4.00 6.95
C LEU A 127 -7.90 -2.91 6.04
N ASP A 128 -8.46 -2.87 4.81
CA ASP A 128 -8.08 -1.82 3.87
C ASP A 128 -9.31 -1.10 3.34
N TRP A 129 -10.15 -0.62 4.25
CA TRP A 129 -11.33 0.16 3.85
C TRP A 129 -10.79 1.54 3.54
N GLU A 130 -10.99 2.00 2.31
CA GLU A 130 -10.60 3.37 1.92
C GLU A 130 -11.84 4.18 1.61
N TYR A 131 -12.29 5.05 2.53
CA TYR A 131 -11.78 5.19 3.91
C TYR A 131 -12.98 5.50 4.78
N PRO A 132 -12.95 5.12 6.05
CA PRO A 132 -14.04 5.52 6.97
C PRO A 132 -14.14 7.05 7.04
N GLY A 133 -15.37 7.56 6.96
CA GLY A 133 -15.56 9.01 7.07
C GLY A 133 -15.40 9.81 5.78
N ALA A 134 -14.94 9.18 4.70
CA ALA A 134 -14.65 9.90 3.46
C ALA A 134 -15.92 10.08 2.63
N ALA A 135 -16.36 11.32 2.50
CA ALA A 135 -17.63 11.61 1.82
C ALA A 135 -17.58 11.23 0.35
N ASP A 136 -16.38 11.31 -0.23
CA ASP A 136 -16.10 10.96 -1.62
C ASP A 136 -16.07 9.45 -1.85
N ARG A 137 -16.14 8.68 -0.78
CA ARG A 137 -16.08 7.21 -0.86
C ARG A 137 -17.27 6.59 -0.09
N GLY A 138 -18.40 7.27 -0.09
CA GLY A 138 -19.61 6.65 0.44
C GLY A 138 -19.62 6.65 1.97
N GLY A 139 -18.75 7.43 2.62
CA GLY A 139 -18.69 7.39 4.06
C GLY A 139 -19.47 8.51 4.70
N SER A 140 -19.45 8.53 6.02
CA SER A 140 -20.06 9.64 6.74
C SER A 140 -19.53 9.70 8.16
N PHE A 141 -20.03 10.67 8.92
CA PHE A 141 -19.37 11.05 10.15
C PHE A 141 -19.27 9.91 11.15
N SER A 142 -20.34 9.11 11.27
CA SER A 142 -20.33 8.08 12.29
C SER A 142 -19.37 6.93 11.99
N ASP A 143 -18.77 6.91 10.80
CA ASP A 143 -17.81 5.83 10.52
C ASP A 143 -16.62 5.82 11.50
N LYS A 144 -16.25 6.97 12.04
CA LYS A 144 -15.04 6.98 12.85
C LYS A 144 -15.24 6.12 14.12
N ASP A 145 -16.35 6.33 14.83
CA ASP A 145 -16.63 5.48 15.98
C ASP A 145 -16.85 4.02 15.53
N LYS A 146 -17.62 3.84 14.46
CA LYS A 146 -18.08 2.51 14.12
C LYS A 146 -16.97 1.68 13.51
N PHE A 147 -16.01 2.32 12.85
CA PHE A 147 -14.82 1.56 12.41
C PHE A 147 -14.02 1.09 13.61
N LEU A 148 -13.88 1.93 14.64
CA LEU A 148 -13.20 1.45 15.84
C LEU A 148 -13.96 0.27 16.46
N TYR A 149 -15.29 0.36 16.50
CA TYR A 149 -16.05 -0.76 17.05
C TYR A 149 -15.80 -2.05 16.28
N LEU A 150 -15.78 -1.95 14.95
CA LEU A 150 -15.50 -3.11 14.11
C LEU A 150 -14.15 -3.74 14.50
N VAL A 151 -13.14 -2.89 14.69
CA VAL A 151 -11.79 -3.36 14.98
C VAL A 151 -11.76 -4.02 16.34
N GLN A 152 -12.42 -3.39 17.32
CA GLN A 152 -12.52 -4.00 18.64
C GLN A 152 -13.24 -5.35 18.61
N GLU A 153 -14.32 -5.43 17.84
CA GLU A 153 -15.07 -6.68 17.73
C GLU A 153 -14.31 -7.78 16.97
N LEU A 154 -13.59 -7.41 15.91
CA LEU A 154 -12.76 -8.41 15.25
C LEU A 154 -11.67 -8.94 16.18
N ARG A 155 -10.99 -8.04 16.89
CA ARG A 155 -9.96 -8.48 17.82
C ARG A 155 -10.51 -9.45 18.86
N ARG A 156 -11.67 -9.13 19.44
CA ARG A 156 -12.28 -10.05 20.42
C ARG A 156 -12.61 -11.38 19.81
N ALA A 157 -13.14 -11.37 18.58
CA ALA A 157 -13.40 -12.65 17.90
C ALA A 157 -12.12 -13.42 17.62
N PHE A 158 -11.06 -12.70 17.27
CA PHE A 158 -9.82 -13.39 16.99
C PHE A 158 -9.26 -14.00 18.25
N ILE A 159 -9.46 -13.30 19.37
CA ILE A 159 -8.96 -13.84 20.66
C ILE A 159 -9.76 -15.09 20.97
N ARG A 160 -11.06 -15.04 20.75
CA ARG A 160 -11.91 -16.23 21.03
C ARG A 160 -11.53 -17.41 20.19
N GLU A 161 -11.09 -17.20 18.96
CA GLU A 161 -10.75 -18.34 18.15
C GLU A 161 -9.49 -19.01 18.67
N GLY A 162 -8.66 -18.24 19.35
CA GLY A 162 -7.52 -18.83 20.03
C GLY A 162 -6.37 -19.25 19.13
N LYS A 163 -6.31 -18.76 17.89
CA LYS A 163 -5.21 -19.18 17.02
C LYS A 163 -4.12 -18.12 16.89
N GLY A 164 -4.20 -17.05 17.66
CA GLY A 164 -3.18 -16.01 17.62
C GLY A 164 -3.19 -15.17 16.35
N TRP A 165 -4.33 -15.07 15.69
CA TRP A 165 -4.40 -14.33 14.41
C TRP A 165 -4.06 -12.86 14.58
N GLU A 166 -3.37 -12.29 13.60
CA GLU A 166 -3.12 -10.85 13.62
C GLU A 166 -4.26 -10.08 12.97
N LEU A 167 -4.36 -8.80 13.34
CA LEU A 167 -5.32 -7.87 12.74
C LEU A 167 -4.51 -6.61 12.49
N THR A 168 -4.45 -6.16 11.24
CA THR A 168 -3.69 -4.99 10.89
C THR A 168 -4.58 -4.09 10.05
N ALA A 169 -4.13 -2.88 9.74
CA ALA A 169 -4.89 -2.00 8.85
C ALA A 169 -3.96 -1.17 8.01
N ALA A 170 -4.38 -0.92 6.76
CA ALA A 170 -3.66 0.01 5.89
C ALA A 170 -4.35 1.36 6.07
N VAL A 171 -3.59 2.45 6.23
CA VAL A 171 -4.17 3.73 6.62
C VAL A 171 -3.54 4.85 5.81
N PRO A 172 -4.27 5.96 5.65
CA PRO A 172 -3.69 7.13 4.95
C PRO A 172 -2.85 7.98 5.86
N LEU A 173 -2.24 9.03 5.34
CA LEU A 173 -1.47 9.89 6.28
C LEU A 173 -1.85 11.35 6.29
N ALA A 174 -2.88 11.71 5.55
CA ALA A 174 -3.35 13.09 5.53
C ALA A 174 -4.16 13.40 6.77
N ASN A 175 -3.90 14.54 7.41
CA ASN A 175 -4.59 14.90 8.61
C ASN A 175 -6.12 14.84 8.45
N PHE A 176 -6.65 15.36 7.35
CA PHE A 176 -8.11 15.40 7.29
C PHE A 176 -8.70 14.00 7.26
N ARG A 177 -8.00 13.05 6.65
CA ARG A 177 -8.47 11.66 6.61
C ARG A 177 -8.38 11.08 8.02
N LEU A 178 -7.33 11.40 8.76
CA LEU A 178 -7.23 10.86 10.12
C LEU A 178 -8.36 11.41 10.98
N MET A 179 -8.64 12.70 10.86
CA MET A 179 -9.68 13.30 11.67
C MET A 179 -11.01 12.71 11.30
N GLU A 180 -11.23 12.43 10.01
CA GLU A 180 -12.58 11.94 9.60
C GLU A 180 -12.77 10.44 9.92
N GLY A 181 -11.69 9.67 9.92
CA GLY A 181 -11.86 8.22 9.97
C GLY A 181 -11.20 7.39 11.08
N TYR A 182 -10.20 7.93 11.79
CA TYR A 182 -9.31 7.07 12.58
C TYR A 182 -9.10 7.56 14.02
N HIS A 183 -9.66 6.84 14.99
CA HIS A 183 -9.35 7.09 16.40
C HIS A 183 -7.99 6.48 16.66
N VAL A 184 -6.94 7.27 16.50
CA VAL A 184 -5.60 6.70 16.42
C VAL A 184 -5.14 5.90 17.65
N PRO A 185 -5.25 6.46 18.87
CA PRO A 185 -4.67 5.67 19.98
C PRO A 185 -5.42 4.37 20.19
N GLU A 186 -6.74 4.44 20.03
CA GLU A 186 -7.55 3.25 20.26
C GLU A 186 -7.33 2.23 19.16
N LEU A 187 -7.21 2.69 17.91
CA LEU A 187 -6.88 1.70 16.84
C LEU A 187 -5.49 1.09 17.01
N CYS A 188 -4.49 1.90 17.33
CA CYS A 188 -3.11 1.40 17.41
C CYS A 188 -2.98 0.40 18.58
N GLN A 189 -3.83 0.54 19.60
CA GLN A 189 -3.85 -0.47 20.65
C GLN A 189 -4.40 -1.81 20.21
N GLU A 190 -5.42 -1.83 19.34
CA GLU A 190 -6.06 -3.08 18.98
C GLU A 190 -5.34 -3.80 17.85
N LEU A 191 -4.53 -3.05 17.10
CA LEU A 191 -3.96 -3.64 15.88
C LEU A 191 -2.50 -4.08 16.08
N ASP A 192 -2.08 -5.14 15.40
CA ASP A 192 -0.69 -5.59 15.47
C ASP A 192 0.27 -4.70 14.70
N ALA A 193 -0.22 -4.03 13.67
CA ALA A 193 0.65 -3.18 12.87
C ALA A 193 -0.24 -2.22 12.13
N ILE A 194 0.28 -1.03 11.88
CA ILE A 194 -0.43 -0.02 11.10
C ILE A 194 0.38 0.13 9.81
N HIS A 195 -0.22 -0.23 8.68
CA HIS A 195 0.54 -0.17 7.42
C HIS A 195 0.26 1.17 6.79
N VAL A 196 1.20 2.09 6.91
CA VAL A 196 0.91 3.45 6.46
C VAL A 196 1.11 3.55 4.93
N MET A 197 0.06 4.02 4.23
CA MET A 197 0.12 4.20 2.78
C MET A 197 0.81 5.51 2.44
N SER A 198 2.14 5.52 2.59
CA SER A 198 2.92 6.75 2.37
C SER A 198 3.25 6.80 0.90
N TYR A 199 2.19 6.88 0.07
CA TYR A 199 2.36 6.93 -1.40
C TYR A 199 1.04 7.43 -1.94
N ASP A 200 0.95 7.65 -3.25
CA ASP A 200 -0.18 8.40 -3.83
C ASP A 200 -0.39 9.69 -3.08
N LEU A 201 0.68 10.31 -2.62
CA LEU A 201 0.53 11.59 -1.93
C LEU A 201 0.34 12.74 -2.93
N ARG A 202 0.69 12.49 -4.20
CA ARG A 202 0.50 13.46 -5.30
C ARG A 202 0.10 12.61 -6.49
N GLY A 203 -0.49 13.21 -7.52
CA GLY A 203 -0.94 12.39 -8.64
C GLY A 203 -1.84 13.26 -9.49
N ASN A 204 -2.39 12.70 -10.56
CA ASN A 204 -3.10 13.52 -11.54
C ASN A 204 -4.25 14.29 -10.91
N TRP A 205 -4.88 13.69 -9.91
CA TRP A 205 -6.00 14.33 -9.24
C TRP A 205 -5.64 15.64 -8.62
N ALA A 206 -4.36 15.84 -8.33
CA ALA A 206 -3.93 17.08 -7.66
C ALA A 206 -3.77 18.25 -8.63
N GLY A 207 -3.69 17.95 -9.92
CA GLY A 207 -3.60 19.01 -10.91
C GLY A 207 -2.22 19.54 -11.24
N PHE A 208 -1.16 18.86 -10.80
CA PHE A 208 0.20 19.26 -11.15
C PHE A 208 1.12 18.04 -11.05
N ALA A 209 2.24 18.06 -11.77
CA ALA A 209 3.16 16.89 -11.77
C ALA A 209 4.02 16.94 -10.54
N ASP A 210 4.26 15.79 -9.90
CA ASP A 210 5.07 15.82 -8.66
C ASP A 210 5.33 14.34 -8.34
N VAL A 211 6.36 14.11 -7.56
CA VAL A 211 6.64 12.73 -7.10
C VAL A 211 5.55 12.39 -6.05
N HIS A 212 5.28 11.10 -5.84
CA HIS A 212 4.12 10.74 -5.02
C HIS A 212 4.45 10.17 -3.65
N SER A 213 5.75 10.05 -3.35
CA SER A 213 6.14 9.60 -2.02
C SER A 213 7.31 10.47 -1.50
N PRO A 214 7.18 11.81 -1.58
CA PRO A 214 8.32 12.62 -1.11
C PRO A 214 8.58 12.39 0.37
N LEU A 215 9.84 12.23 0.77
CA LEU A 215 10.16 12.01 2.18
C LEU A 215 10.01 13.27 3.02
N TYR A 216 10.42 14.42 2.47
CA TYR A 216 10.38 15.67 3.22
C TYR A 216 9.67 16.77 2.39
N LYS A 217 9.27 17.84 3.07
CA LYS A 217 8.58 18.96 2.44
C LYS A 217 9.45 19.62 1.40
N ARG A 218 8.85 20.03 0.28
CA ARG A 218 9.53 20.85 -0.74
C ARG A 218 9.00 22.28 -0.61
N PRO A 219 9.77 23.25 -1.15
CA PRO A 219 9.27 24.64 -1.09
C PRO A 219 7.88 24.83 -1.71
N HIS A 220 7.51 24.11 -2.76
CA HIS A 220 6.19 24.35 -3.37
C HIS A 220 5.01 23.72 -2.60
N ASP A 221 5.31 22.98 -1.53
CA ASP A 221 4.25 22.30 -0.78
C ASP A 221 3.57 23.36 0.10
N GLN A 222 2.29 23.62 -0.16
CA GLN A 222 1.49 24.64 0.54
C GLN A 222 0.10 24.15 0.99
N TRP A 223 -0.41 24.69 2.03
CA TRP A 223 -1.75 24.42 2.47
C TRP A 223 -1.73 22.89 2.50
N ALA A 224 -2.84 22.27 2.18
CA ALA A 224 -3.10 20.88 2.51
C ALA A 224 -1.87 20.03 2.24
N TYR A 225 -1.05 20.47 1.33
CA TYR A 225 0.16 19.68 0.97
C TYR A 225 1.36 19.90 1.87
N GLU A 226 1.27 20.89 2.76
CA GLU A 226 2.45 21.29 3.51
C GLU A 226 3.08 20.12 4.27
N LYS A 227 2.25 19.30 4.90
CA LYS A 227 2.75 18.23 5.72
C LYS A 227 2.47 16.90 5.06
N LEU A 228 2.07 16.90 3.79
CA LEU A 228 1.70 15.67 3.12
C LEU A 228 2.97 15.07 2.47
N ASN A 229 3.84 14.56 3.33
CA ASN A 229 5.09 13.90 2.90
C ASN A 229 5.31 12.81 3.93
N VAL A 230 6.22 11.89 3.64
CA VAL A 230 6.33 10.70 4.46
C VAL A 230 6.78 11.03 5.89
N ASN A 231 7.82 11.86 6.00
CA ASN A 231 8.33 12.20 7.34
C ASN A 231 7.25 12.84 8.20
N ASP A 232 6.57 13.88 7.67
CA ASP A 232 5.58 14.59 8.49
C ASP A 232 4.34 13.76 8.74
N GLY A 233 3.99 12.91 7.78
CA GLY A 233 2.80 12.06 7.91
C GLY A 233 3.04 11.02 8.99
N LEU A 234 4.24 10.44 9.02
CA LEU A 234 4.49 9.47 10.10
C LEU A 234 4.55 10.20 11.44
N GLN A 235 5.07 11.42 11.43
CA GLN A 235 5.20 12.18 12.69
C GLN A 235 3.77 12.47 13.16
N LEU A 236 2.86 12.73 12.21
CA LEU A 236 1.46 12.93 12.58
C LEU A 236 0.84 11.73 13.28
N TRP A 237 1.03 10.51 12.75
CA TRP A 237 0.57 9.31 13.44
C TRP A 237 1.14 9.23 14.87
N GLU A 238 2.42 9.54 15.03
CA GLU A 238 2.99 9.54 16.39
C GLU A 238 2.30 10.60 17.27
N ASP A 239 2.14 11.81 16.75
CA ASP A 239 1.56 12.92 17.52
C ASP A 239 0.14 12.59 17.93
N LYS A 240 -0.58 11.82 17.13
CA LYS A 240 -1.96 11.48 17.43
C LYS A 240 -2.05 10.27 18.36
N GLY A 241 -0.90 9.68 18.71
CA GLY A 241 -0.90 8.68 19.76
C GLY A 241 -0.50 7.27 19.38
N CYS A 242 -0.01 7.06 18.16
CA CYS A 242 0.36 5.70 17.76
C CYS A 242 1.81 5.47 18.17
N PRO A 243 2.10 4.36 18.87
CA PRO A 243 3.49 4.04 19.26
C PRO A 243 4.39 3.81 18.06
N THR A 244 5.65 4.23 18.13
CA THR A 244 6.57 4.05 17.01
C THR A 244 6.68 2.61 16.57
N ASN A 245 6.58 1.68 17.51
CA ASN A 245 6.79 0.28 17.16
C ASN A 245 5.51 -0.43 16.70
N LYS A 246 4.50 0.37 16.31
CA LYS A 246 3.32 -0.18 15.63
C LYS A 246 3.27 0.34 14.17
N LEU A 247 4.13 1.31 13.79
CA LEU A 247 4.03 1.99 12.49
C LEU A 247 4.93 1.34 11.44
N VAL A 248 4.36 0.92 10.30
CA VAL A 248 5.14 0.28 9.23
C VAL A 248 5.04 1.23 8.05
N VAL A 249 6.15 1.55 7.41
CA VAL A 249 6.16 2.65 6.42
C VAL A 249 6.03 2.07 5.02
N GLY A 250 4.97 2.43 4.30
CA GLY A 250 4.78 1.94 2.92
C GLY A 250 5.77 2.55 1.92
N ILE A 251 6.22 1.73 0.98
CA ILE A 251 7.15 2.13 -0.07
C ILE A 251 6.44 1.72 -1.37
N PRO A 252 6.20 2.66 -2.30
CA PRO A 252 5.55 2.23 -3.55
C PRO A 252 6.55 1.62 -4.55
N PHE A 253 6.22 0.47 -5.12
CA PHE A 253 7.01 -0.14 -6.20
C PHE A 253 6.37 0.27 -7.54
N TYR A 254 5.93 1.51 -7.61
CA TYR A 254 5.26 1.99 -8.83
C TYR A 254 5.39 3.49 -8.88
N GLY A 255 5.18 4.08 -10.06
CA GLY A 255 5.22 5.54 -10.15
C GLY A 255 3.86 6.11 -10.55
N ARG A 256 3.63 7.38 -10.21
CA ARG A 256 2.46 8.10 -10.67
C ARG A 256 2.88 8.93 -11.86
N SER A 257 2.10 8.82 -12.94
CA SER A 257 2.53 9.46 -14.21
C SER A 257 1.53 10.56 -14.58
N PHE A 258 1.96 11.47 -15.45
CA PHE A 258 1.12 12.60 -15.86
C PHE A 258 1.34 12.81 -17.34
N THR A 259 0.34 13.39 -18.00
CA THR A 259 0.54 13.98 -19.36
C THR A 259 0.57 15.49 -19.16
N LEU A 260 1.67 16.12 -19.59
CA LEU A 260 1.89 17.54 -19.34
C LEU A 260 1.01 18.33 -20.28
N SER A 261 0.74 19.58 -19.93
CA SER A 261 -0.12 20.43 -20.73
C SER A 261 0.53 20.69 -22.08
N SER A 262 -0.30 20.82 -23.10
CA SER A 262 0.16 21.16 -24.45
C SER A 262 1.19 22.32 -24.48
N GLY A 263 2.32 22.08 -25.13
CA GLY A 263 3.33 23.12 -25.27
C GLY A 263 4.13 23.49 -24.03
N ASN A 264 4.00 22.68 -22.98
CA ASN A 264 4.65 22.97 -21.70
C ASN A 264 6.04 22.35 -21.69
N ASN A 265 7.08 23.18 -21.60
CA ASN A 265 8.47 22.72 -21.66
C ASN A 265 9.14 22.85 -20.31
N ASN A 266 8.33 23.04 -19.28
CA ASN A 266 8.86 23.15 -17.94
C ASN A 266 8.60 21.79 -17.29
N TYR A 267 9.64 21.04 -16.97
CA TYR A 267 9.45 19.71 -16.40
C TYR A 267 9.70 19.68 -14.90
N ASN A 268 9.75 20.86 -14.26
CA ASN A 268 10.07 20.85 -12.85
C ASN A 268 8.92 20.32 -12.03
N LEU A 269 9.22 19.93 -10.80
CA LEU A 269 8.15 19.59 -9.85
C LEU A 269 7.13 20.72 -9.76
N GLY A 270 5.85 20.39 -9.80
CA GLY A 270 4.82 21.39 -9.63
C GLY A 270 4.33 21.93 -10.95
N THR A 271 4.94 21.50 -12.04
CA THR A 271 4.52 21.99 -13.36
C THR A 271 3.07 21.59 -13.74
N TYR A 272 2.40 22.43 -14.52
CA TYR A 272 1.00 22.18 -14.89
C TYR A 272 0.82 20.98 -15.82
N ILE A 273 -0.33 20.32 -15.76
CA ILE A 273 -0.52 19.10 -16.54
C ILE A 273 -1.82 19.19 -17.30
N ASN A 274 -2.02 18.26 -18.22
CA ASN A 274 -3.30 18.11 -18.89
C ASN A 274 -4.12 17.19 -18.00
N LYS A 275 -4.90 17.78 -17.11
CA LYS A 275 -5.59 16.96 -16.12
C LYS A 275 -6.63 16.06 -16.75
N GLU A 276 -7.17 16.45 -17.90
CA GLU A 276 -8.27 15.70 -18.48
C GLU A 276 -7.77 14.43 -19.09
N ALA A 277 -6.47 14.38 -19.39
CA ALA A 277 -5.83 13.16 -19.86
C ALA A 277 -5.95 12.01 -18.81
N GLY A 278 -6.06 12.37 -17.53
CA GLY A 278 -6.27 11.34 -16.53
C GLY A 278 -4.95 10.84 -15.93
N GLY A 279 -3.81 11.35 -16.44
CA GLY A 279 -2.48 10.84 -16.06
C GLY A 279 -1.65 10.54 -17.29
N GLY A 280 -0.49 9.90 -17.10
CA GLY A 280 0.31 9.47 -18.23
C GLY A 280 -0.36 8.34 -18.99
N ASP A 281 0.08 8.10 -20.23
CA ASP A 281 -0.44 7.00 -21.06
C ASP A 281 -0.11 5.68 -20.37
N PRO A 282 -0.96 4.66 -20.56
CA PRO A 282 -0.78 3.32 -19.95
C PRO A 282 0.45 2.65 -20.44
N ALA A 283 1.09 1.90 -19.56
CA ALA A 283 2.26 1.13 -19.90
C ALA A 283 1.77 -0.28 -20.27
N PRO A 284 2.64 -1.10 -20.88
CA PRO A 284 2.13 -2.31 -21.53
C PRO A 284 1.67 -3.42 -20.63
N TYR A 285 2.11 -3.47 -19.38
CA TYR A 285 1.80 -4.64 -18.54
C TYR A 285 0.71 -4.29 -17.53
N THR A 286 0.81 -3.12 -16.92
CA THR A 286 -0.24 -2.69 -15.98
C THR A 286 -1.43 -2.07 -16.69
N ASN A 287 -1.18 -1.50 -17.89
CA ASN A 287 -2.28 -0.98 -18.72
C ASN A 287 -3.26 -0.06 -17.98
N ALA A 288 -2.71 0.94 -17.28
CA ALA A 288 -3.55 1.84 -16.49
C ALA A 288 -3.07 3.25 -16.66
N THR A 289 -3.96 4.15 -17.06
CA THR A 289 -3.57 5.54 -17.14
C THR A 289 -3.17 6.01 -15.76
N GLY A 290 -2.04 6.72 -15.67
CA GLY A 290 -1.68 7.39 -14.42
C GLY A 290 -0.74 6.59 -13.52
N PHE A 291 -0.44 5.36 -13.86
CA PHE A 291 0.62 4.70 -13.09
C PHE A 291 1.39 3.67 -13.88
N TRP A 292 2.64 3.45 -13.46
CA TRP A 292 3.49 2.47 -14.09
C TRP A 292 4.12 1.61 -12.99
N ALA A 293 4.22 0.30 -13.23
CA ALA A 293 4.99 -0.54 -12.29
C ALA A 293 6.44 -0.13 -12.31
N TYR A 294 7.18 -0.39 -11.22
CA TYR A 294 8.62 -0.10 -11.24
C TYR A 294 9.31 -0.76 -12.45
N TYR A 295 8.98 -2.02 -12.77
CA TYR A 295 9.68 -2.65 -13.90
C TYR A 295 9.31 -2.00 -15.24
N GLU A 296 8.15 -1.35 -15.30
CA GLU A 296 7.80 -0.62 -16.52
C GLU A 296 8.61 0.66 -16.59
N ILE A 297 9.00 1.22 -15.44
CA ILE A 297 9.74 2.46 -15.47
C ILE A 297 11.20 2.16 -15.79
N CYS A 298 11.80 1.18 -15.10
CA CYS A 298 13.24 0.96 -15.29
C CYS A 298 13.54 0.47 -16.70
N THR A 299 12.62 -0.29 -17.31
CA THR A 299 12.89 -0.75 -18.68
C THR A 299 12.82 0.37 -19.71
N GLU A 300 12.21 1.47 -19.37
CA GLU A 300 12.17 2.62 -20.29
C GLU A 300 13.25 3.65 -19.95
N VAL A 301 13.45 3.93 -18.67
CA VAL A 301 14.28 5.03 -18.23
C VAL A 301 15.78 4.64 -18.11
N ASP A 302 16.06 3.38 -17.76
CA ASP A 302 17.40 3.02 -17.39
C ASP A 302 18.18 2.34 -18.53
N THR A 303 17.56 2.09 -19.67
CA THR A 303 18.30 1.44 -20.79
C THR A 303 19.40 2.34 -21.32
N ALA A 304 20.39 1.74 -21.98
CA ALA A 304 21.52 2.55 -22.44
C ALA A 304 21.11 3.67 -23.39
N ASP A 305 20.14 3.41 -24.26
CA ASP A 305 19.84 4.42 -25.29
C ASP A 305 18.58 5.19 -24.95
N SER A 306 18.14 5.11 -23.71
CA SER A 306 16.90 5.78 -23.31
C SER A 306 16.84 7.23 -23.72
N LYS A 307 15.68 7.66 -24.21
CA LYS A 307 15.50 9.10 -24.47
C LYS A 307 14.81 9.82 -23.33
N TRP A 308 14.63 9.12 -22.21
CA TRP A 308 14.04 9.72 -21.02
C TRP A 308 15.08 10.54 -20.31
N THR A 309 14.66 11.63 -19.68
CA THR A 309 15.57 12.39 -18.83
C THR A 309 15.24 12.17 -17.36
N LYS A 310 16.22 11.72 -16.58
CA LYS A 310 15.96 11.40 -15.17
C LYS A 310 16.50 12.49 -14.28
N LYS A 311 15.69 12.94 -13.32
CA LYS A 311 16.10 13.97 -12.38
C LYS A 311 15.88 13.49 -10.97
N TRP A 312 16.24 14.34 -10.02
CA TRP A 312 16.17 14.00 -8.62
C TRP A 312 15.54 15.13 -7.85
N ASP A 313 14.52 14.82 -7.05
CA ASP A 313 13.95 15.79 -6.12
C ASP A 313 14.84 15.84 -4.89
N GLU A 314 15.66 16.91 -4.77
CA GLU A 314 16.61 17.02 -3.66
C GLU A 314 15.96 17.10 -2.29
N HIS A 315 14.72 17.55 -2.17
CA HIS A 315 14.15 17.68 -0.85
C HIS A 315 13.32 16.43 -0.54
N GLY A 316 12.56 15.97 -1.53
CA GLY A 316 11.69 14.83 -1.32
C GLY A 316 12.46 13.51 -1.41
N LYS A 317 13.67 13.57 -1.99
CA LYS A 317 14.52 12.37 -2.12
C LYS A 317 13.86 11.28 -2.96
N CYS A 318 13.32 11.64 -4.13
CA CYS A 318 12.71 10.67 -5.03
C CYS A 318 13.15 11.01 -6.45
N PRO A 319 13.23 10.02 -7.33
CA PRO A 319 13.50 10.27 -8.75
C PRO A 319 12.24 10.65 -9.51
N TYR A 320 12.40 11.39 -10.60
CA TYR A 320 11.33 11.52 -11.60
C TYR A 320 11.98 11.51 -12.95
N ALA A 321 11.23 11.19 -13.98
CA ALA A 321 11.80 11.12 -15.32
C ALA A 321 10.76 11.62 -16.30
N TYR A 322 11.20 12.15 -17.45
CA TYR A 322 10.21 12.61 -18.41
C TYR A 322 10.71 12.46 -19.82
N LYS A 323 9.78 12.40 -20.75
CA LYS A 323 10.09 12.39 -22.18
C LYS A 323 8.86 12.88 -22.89
N GLY A 324 8.98 13.93 -23.72
CA GLY A 324 7.81 14.34 -24.49
C GLY A 324 6.80 15.01 -23.57
N THR A 325 5.54 14.56 -23.68
CA THR A 325 4.52 15.05 -22.78
C THR A 325 4.39 14.19 -21.52
N GLN A 326 5.24 13.17 -21.38
CA GLN A 326 5.05 12.16 -20.28
C GLN A 326 5.99 12.40 -19.13
N TRP A 327 5.50 12.29 -17.89
CA TRP A 327 6.33 12.60 -16.72
C TRP A 327 5.95 11.58 -15.66
N VAL A 328 6.94 10.98 -14.98
CA VAL A 328 6.58 9.98 -13.96
C VAL A 328 7.46 10.17 -12.74
N GLY A 329 6.87 10.11 -11.54
CA GLY A 329 7.65 10.20 -10.31
C GLY A 329 7.55 8.87 -9.58
N TYR A 330 8.59 8.42 -8.92
CA TYR A 330 8.57 7.03 -8.45
C TYR A 330 9.62 6.82 -7.35
N GLU A 331 10.00 5.56 -7.12
CA GLU A 331 11.04 5.20 -6.14
C GLU A 331 12.03 4.32 -6.88
N ASP A 332 13.32 4.56 -6.63
CA ASP A 332 14.36 3.73 -7.26
C ASP A 332 15.27 3.25 -6.15
N PRO A 333 16.35 2.51 -6.48
CA PRO A 333 17.13 2.01 -5.33
C PRO A 333 17.69 3.11 -4.48
N ARG A 334 18.09 4.24 -5.07
CA ARG A 334 18.62 5.31 -4.22
C ARG A 334 17.56 5.81 -3.22
N SER A 335 16.35 6.07 -3.69
CA SER A 335 15.33 6.63 -2.81
C SER A 335 14.88 5.62 -1.76
N VAL A 336 14.83 4.35 -2.12
CA VAL A 336 14.38 3.33 -1.17
C VAL A 336 15.42 3.17 -0.09
N GLU A 337 16.69 3.21 -0.46
CA GLU A 337 17.79 3.11 0.53
CA GLU A 337 17.73 3.07 0.57
C GLU A 337 17.69 4.27 1.53
N ILE A 338 17.44 5.47 1.01
CA ILE A 338 17.26 6.62 1.91
C ILE A 338 16.09 6.38 2.86
N LYS A 339 14.99 5.85 2.35
CA LYS A 339 13.87 5.63 3.26
C LYS A 339 14.15 4.51 4.26
N MET A 340 14.87 3.48 3.83
CA MET A 340 15.19 2.43 4.80
C MET A 340 16.03 3.01 5.95
N ASN A 341 17.01 3.85 5.61
CA ASN A 341 17.86 4.45 6.66
C ASN A 341 17.07 5.36 7.59
N TRP A 342 16.11 6.07 7.01
CA TRP A 342 15.26 6.93 7.80
C TRP A 342 14.32 6.12 8.71
N ILE A 343 13.81 4.98 8.22
CA ILE A 343 12.93 4.15 9.07
C ILE A 343 13.70 3.74 10.32
N LYS A 344 14.98 3.38 10.12
CA LYS A 344 15.81 2.90 11.26
C LYS A 344 16.12 4.06 12.18
N GLU A 345 16.41 5.22 11.60
CA GLU A 345 16.64 6.41 12.43
C GLU A 345 15.44 6.78 13.32
N LYS A 346 14.21 6.63 12.80
CA LYS A 346 13.00 6.98 13.54
C LYS A 346 12.56 5.89 14.51
N GLY A 347 13.00 4.67 14.28
CA GLY A 347 12.61 3.56 15.13
C GLY A 347 11.27 2.90 14.82
N TYR A 348 10.80 3.02 13.58
CA TYR A 348 9.50 2.45 13.21
C TYR A 348 9.57 0.92 13.12
N LEU A 349 8.39 0.28 13.14
CA LEU A 349 8.33 -1.18 13.15
C LEU A 349 8.87 -1.83 11.86
N GLY A 350 8.76 -1.16 10.74
CA GLY A 350 9.35 -1.74 9.54
C GLY A 350 8.89 -1.05 8.25
N ALA A 351 9.03 -1.79 7.16
CA ALA A 351 8.70 -1.28 5.83
C ALA A 351 7.63 -2.16 5.19
N MET A 352 6.80 -1.54 4.33
CA MET A 352 5.74 -2.27 3.65
C MET A 352 5.86 -1.90 2.17
N THR A 353 5.43 -2.79 1.29
CA THR A 353 5.42 -2.41 -0.13
C THR A 353 4.09 -2.62 -0.78
N TRP A 354 3.64 -1.63 -1.55
CA TRP A 354 2.57 -1.82 -2.53
C TRP A 354 3.26 -1.78 -3.89
N ALA A 355 3.42 -2.87 -4.63
CA ALA A 355 3.13 -4.23 -4.20
C ALA A 355 4.23 -5.11 -4.79
N ILE A 356 4.39 -6.31 -4.24
CA ILE A 356 5.56 -7.09 -4.52
C ILE A 356 5.55 -7.51 -6.00
N ASP A 357 4.38 -7.64 -6.62
CA ASP A 357 4.28 -8.01 -8.05
C ASP A 357 4.70 -6.91 -9.01
N MET A 358 5.15 -5.76 -8.52
CA MET A 358 5.59 -4.67 -9.41
C MET A 358 7.06 -4.37 -9.26
N ASP A 359 7.75 -5.11 -8.40
CA ASP A 359 9.24 -5.04 -8.33
C ASP A 359 9.79 -5.54 -9.67
N ASP A 360 11.07 -5.35 -9.96
CA ASP A 360 11.60 -6.00 -11.19
C ASP A 360 11.89 -7.48 -10.93
N PHE A 361 10.85 -8.28 -10.78
CA PHE A 361 11.00 -9.64 -10.32
C PHE A 361 11.61 -10.56 -11.40
N GLN A 362 11.53 -10.13 -12.67
CA GLN A 362 12.16 -10.84 -13.79
C GLN A 362 13.62 -10.45 -14.01
N GLY A 363 14.08 -9.39 -13.36
CA GLY A 363 15.42 -8.89 -13.63
C GLY A 363 15.52 -8.32 -15.04
N LEU A 364 14.47 -7.65 -15.50
CA LEU A 364 14.51 -7.03 -16.83
C LEU A 364 15.57 -5.92 -16.93
N CYS A 365 15.88 -5.28 -15.80
CA CYS A 365 16.75 -4.10 -15.77
C CYS A 365 18.06 -4.43 -15.08
N GLY A 366 18.27 -5.68 -14.71
CA GLY A 366 19.35 -5.91 -13.74
C GLY A 366 18.98 -6.88 -12.63
N GLU A 367 19.33 -6.58 -11.37
CA GLU A 367 19.16 -7.60 -10.34
C GLU A 367 17.65 -7.96 -10.23
N LYS A 368 17.31 -9.23 -10.17
CA LYS A 368 15.90 -9.63 -9.86
C LYS A 368 15.50 -9.13 -8.48
N ASN A 369 14.26 -8.64 -8.36
CA ASN A 369 13.71 -8.26 -7.03
C ASN A 369 14.57 -7.24 -6.34
N ILE A 370 15.11 -6.32 -7.13
CA ILE A 370 16.00 -5.30 -6.58
C ILE A 370 15.38 -4.49 -5.40
N LEU A 371 14.12 -4.06 -5.51
CA LEU A 371 13.61 -3.22 -4.43
C LEU A 371 13.28 -3.99 -3.14
N ILE A 372 12.69 -5.18 -3.24
CA ILE A 372 12.35 -5.88 -2.02
C ILE A 372 13.64 -6.38 -1.38
N LYS A 373 14.68 -6.62 -2.17
CA LYS A 373 15.95 -7.00 -1.54
C LYS A 373 16.49 -5.87 -0.68
N LEU A 374 16.23 -4.63 -1.07
CA LEU A 374 16.65 -3.52 -0.22
C LEU A 374 15.91 -3.47 1.09
N LEU A 375 14.59 -3.61 1.04
CA LEU A 375 13.80 -3.69 2.26
C LEU A 375 14.30 -4.82 3.14
N HIS A 376 14.49 -5.99 2.56
CA HIS A 376 14.89 -7.14 3.37
C HIS A 376 16.31 -6.91 3.94
N LYS A 377 17.23 -6.39 3.13
CA LYS A 377 18.60 -6.17 3.64
C LYS A 377 18.60 -5.25 4.84
N HIS A 378 17.93 -4.11 4.72
CA HIS A 378 17.91 -3.19 5.85
C HIS A 378 17.11 -3.66 7.05
N MET A 379 15.92 -4.21 6.82
CA MET A 379 15.06 -4.54 7.95
C MET A 379 15.58 -5.75 8.69
N SER A 380 16.19 -6.69 7.98
CA SER A 380 16.54 -7.95 8.67
C SER A 380 17.73 -7.73 9.62
N ALA A 381 18.49 -6.65 9.42
CA ALA A 381 19.64 -6.34 10.28
C ALA A 381 19.32 -5.31 11.33
N TYR A 382 18.04 -4.96 11.47
CA TYR A 382 17.64 -3.82 12.29
C TYR A 382 16.83 -4.29 13.48
N THR A 383 17.10 -3.73 14.68
CA THR A 383 16.31 -4.10 15.84
C THR A 383 15.39 -2.96 16.16
N VAL A 384 14.08 -3.21 16.28
CA VAL A 384 13.15 -2.09 16.53
C VAL A 384 13.31 -1.67 18.00
N PRO A 385 13.57 -0.39 18.28
CA PRO A 385 13.72 0.02 19.69
C PRO A 385 12.39 0.08 20.44
N PRO A 386 12.43 0.18 21.79
CA PRO A 386 11.17 0.38 22.54
C PRO A 386 10.48 1.69 22.14
N PRO A 387 9.15 1.79 22.32
CA PRO A 387 8.38 2.97 21.91
C PRO A 387 9.01 4.23 22.47
N ARG A 388 9.01 5.31 21.68
CA ARG A 388 9.71 6.53 22.05
C ARG A 388 9.02 7.41 23.12
#